data_8SVR
#
_entry.id   8SVR
#
_cell.length_a   84.075
_cell.length_b   88.498
_cell.length_c   105.381
_cell.angle_alpha   90.00
_cell.angle_beta   90.00
_cell.angle_gamma   90.00
#
_symmetry.space_group_name_H-M   'P 21 21 21'
#
loop_
_entity.id
_entity.type
_entity.pdbx_description
1 polymer 'Pregnane X receptor ligand binding domain fused to SRC-1 coactivator peptide'
2 non-polymer 'DIMETHYL SULFOXIDE'
3 non-polymer (1P)-N-(5-tert-butyl-2-{[(3S)-hexan-3-yl]oxy}phenyl)-5-methyl-1-(2,4,5-trimethoxyphenyl)-1H-1,2,3-triazole-4-carboxamide
4 water water
#
_entity_poly.entity_id   1
_entity_poly.type   'polypeptide(L)'
_entity_poly.pdbx_seq_one_letter_code
;HHHHHHGSERTGTQPLGVQGLTEEQRMMIRELMDAQMKTFDTTFSHFKNFRLPGVLSSGCELPESLQAPSREEAAKWSQV
RKDLCSLKVSLQLRGEDGSVWNYKPPADSGGKEIFSLLPHMADMSTYMFKGIISFAKVISYFRDLPIEDQISLLKGAAFE
LCQLRFNTVFNAETGTWECGRLSYCLEDTAGGFQQLLLEPMLKFHYMLKKLQLHEEEYVLMQAISLFSPDRPGVLQHRVV
DQLQEQFAITLKSYIECNRPQPAHRFLFLKIMAMLTELRSINAQHTQRLLRIQDIHPFATPLMQELFGITGSSGGSGGSS
HSSLTERHKILHRLLQEGSPSDITTLSVEPD
;
_entity_poly.pdbx_strand_id   A,B
#
# COMPACT_ATOMS: atom_id res chain seq x y z
N GLY A 20 -17.39 0.51 50.07
CA GLY A 20 -17.68 0.98 48.73
C GLY A 20 -17.14 2.36 48.44
N LEU A 21 -17.71 3.00 47.42
CA LEU A 21 -17.33 4.35 47.03
C LEU A 21 -18.36 5.36 47.50
N THR A 22 -17.90 6.56 47.85
CA THR A 22 -18.82 7.63 48.22
C THR A 22 -19.64 8.05 47.00
N GLU A 23 -20.78 8.68 47.27
CA GLU A 23 -21.67 9.08 46.19
C GLU A 23 -21.02 10.11 45.27
N GLU A 24 -20.19 11.00 45.81
CA GLU A 24 -19.49 11.95 44.96
C GLU A 24 -18.42 11.28 44.13
N GLN A 25 -17.72 10.30 44.72
CA GLN A 25 -16.72 9.55 43.95
C GLN A 25 -17.38 8.69 42.88
N ARG A 26 -18.56 8.17 43.20
CA ARG A 26 -19.28 7.34 42.21
C ARG A 26 -19.68 8.23 41.03
N MET A 27 -20.19 9.42 41.32
CA MET A 27 -20.55 10.34 40.24
C MET A 27 -19.30 10.87 39.53
N MET A 28 -18.17 10.92 40.23
CA MET A 28 -16.92 11.35 39.61
C MET A 28 -16.46 10.34 38.56
N ILE A 29 -16.63 9.05 38.84
CA ILE A 29 -16.32 8.02 37.86
C ILE A 29 -17.35 8.03 36.74
N ARG A 30 -18.62 8.22 37.08
CA ARG A 30 -19.67 8.22 36.06
C ARG A 30 -19.48 9.35 35.06
N GLU A 31 -18.97 10.50 35.50
CA GLU A 31 -18.74 11.60 34.57
C GLU A 31 -17.55 11.32 33.67
N LEU A 32 -16.47 10.78 34.22
CA LEU A 32 -15.30 10.43 33.41
C LEU A 32 -15.63 9.34 32.41
N MET A 33 -16.35 8.30 32.86
CA MET A 33 -16.79 7.24 31.94
C MET A 33 -17.72 7.78 30.87
N ASP A 34 -18.58 8.73 31.24
CA ASP A 34 -19.46 9.36 30.25
C ASP A 34 -18.67 10.21 29.27
N ALA A 35 -17.67 10.95 29.76
CA ALA A 35 -16.84 11.75 28.87
C ALA A 35 -16.01 10.87 27.94
N GLN A 36 -15.48 9.77 28.46
CA GLN A 36 -14.69 8.87 27.63
C GLN A 36 -15.55 8.22 26.55
N MET A 37 -16.78 7.86 26.88
CA MET A 37 -17.65 7.20 25.91
C MET A 37 -17.99 8.15 24.75
N LYS A 38 -18.25 9.42 25.06
CA LYS A 38 -18.64 10.37 24.02
C LYS A 38 -17.49 10.79 23.13
N THR A 39 -16.24 10.64 23.58
CA THR A 39 -15.11 11.25 22.90
C THR A 39 -14.03 10.27 22.47
N PHE A 40 -14.21 8.97 22.66
CA PHE A 40 -13.21 7.97 22.28
C PHE A 40 -13.80 7.11 21.17
N ASP A 41 -13.40 7.39 19.93
CA ASP A 41 -13.75 6.55 18.79
C ASP A 41 -12.89 5.30 18.85
N THR A 42 -13.36 4.31 19.61
CA THR A 42 -12.57 3.11 19.84
C THR A 42 -12.34 2.33 18.56
N THR A 43 -13.25 2.42 17.60
CA THR A 43 -13.11 1.73 16.33
C THR A 43 -12.45 2.59 15.26
N PHE A 44 -12.14 3.86 15.56
CA PHE A 44 -11.50 4.77 14.60
C PHE A 44 -12.34 4.90 13.34
N SER A 45 -13.67 4.87 13.49
CA SER A 45 -14.57 4.94 12.35
C SER A 45 -14.54 6.31 11.68
N HIS A 46 -14.34 7.37 12.46
CA HIS A 46 -14.36 8.73 11.94
C HIS A 46 -12.97 9.23 11.57
N PHE A 47 -11.97 8.36 11.51
CA PHE A 47 -10.62 8.77 11.11
C PHE A 47 -10.47 8.50 9.62
N LYS A 48 -10.75 9.52 8.82
CA LYS A 48 -10.66 9.45 7.37
C LYS A 48 -9.82 10.60 6.85
N ASN A 49 -9.56 10.56 5.55
CA ASN A 49 -8.86 11.64 4.85
C ASN A 49 -7.47 11.89 5.43
N PHE A 50 -6.76 10.80 5.71
CA PHE A 50 -5.41 10.90 6.27
C PHE A 50 -4.37 10.60 5.20
N ARG A 51 -3.18 11.18 5.37
CA ARG A 51 -2.10 10.96 4.44
C ARG A 51 -1.51 9.56 4.61
N LEU A 52 -0.99 9.03 3.50
CA LEU A 52 -0.35 7.72 3.47
C LEU A 52 1.00 7.84 2.80
N PRO A 53 1.94 6.94 3.12
CA PRO A 53 3.23 6.94 2.42
C PRO A 53 3.04 6.68 0.94
N GLY A 54 3.64 7.54 0.12
CA GLY A 54 3.47 7.47 -1.31
C GLY A 54 4.09 6.23 -1.92
N VAL A 55 3.73 6.00 -3.19
CA VAL A 55 4.26 4.86 -3.95
C VAL A 55 5.63 5.13 -4.54
N LEU A 56 6.16 6.34 -4.38
CA LEU A 56 7.48 6.67 -4.90
C LEU A 56 8.58 6.21 -3.96
N GLU A 73 23.64 21.49 10.95
CA GLU A 73 24.91 20.77 11.00
C GLU A 73 24.69 19.27 10.83
N ALA A 74 25.79 18.51 10.81
CA ALA A 74 25.68 17.06 10.68
C ALA A 74 25.04 16.43 11.90
N ALA A 75 25.16 17.06 13.07
CA ALA A 75 24.56 16.49 14.27
C ALA A 75 23.05 16.65 14.30
N LYS A 76 22.49 17.53 13.48
CA LYS A 76 21.03 17.65 13.39
C LYS A 76 20.42 16.36 12.86
N TRP A 77 20.94 15.85 11.74
CA TRP A 77 20.42 14.60 11.18
C TRP A 77 20.84 13.41 12.02
N SER A 78 22.06 13.42 12.55
CA SER A 78 22.54 12.29 13.33
C SER A 78 21.65 12.03 14.55
N GLN A 79 21.13 13.10 15.15
CA GLN A 79 20.21 12.94 16.28
C GLN A 79 18.80 12.59 15.85
N VAL A 80 18.42 12.91 14.61
CA VAL A 80 17.07 12.58 14.14
C VAL A 80 16.97 11.11 13.78
N ARG A 81 18.01 10.55 13.15
CA ARG A 81 17.96 9.15 12.75
C ARG A 81 17.85 8.24 13.97
N LYS A 82 18.44 8.63 15.10
CA LYS A 82 18.34 7.82 16.31
C LYS A 82 16.91 7.78 16.84
N ASP A 83 16.12 8.80 16.55
CA ASP A 83 14.76 8.88 17.08
C ASP A 83 13.80 8.01 16.28
N LEU A 84 13.91 8.03 14.95
CA LEU A 84 12.95 7.34 14.11
C LEU A 84 13.19 5.83 14.09
N CYS A 85 14.44 5.39 14.23
CA CYS A 85 14.72 3.96 14.23
C CYS A 85 14.25 3.26 15.50
N SER A 86 13.97 4.01 16.56
CA SER A 86 13.51 3.40 17.81
C SER A 86 12.18 2.68 17.60
N LEU A 87 11.14 3.41 17.25
CA LEU A 87 9.82 2.85 16.99
C LEU A 87 9.68 2.66 15.48
N LYS A 88 9.73 1.41 15.03
CA LYS A 88 9.56 1.07 13.62
C LYS A 88 8.33 0.17 13.50
N VAL A 89 7.28 0.67 12.87
CA VAL A 89 6.02 -0.05 12.74
C VAL A 89 5.68 -0.21 11.27
N SER A 90 4.96 -1.30 10.97
CA SER A 90 4.42 -1.54 9.64
C SER A 90 2.94 -1.18 9.64
N LEU A 91 2.49 -0.56 8.56
CA LEU A 91 1.11 -0.09 8.43
C LEU A 91 0.29 -1.10 7.65
N GLN A 92 -0.88 -1.44 8.18
CA GLN A 92 -1.80 -2.38 7.54
C GLN A 92 -3.15 -1.73 7.36
N LEU A 93 -3.75 -1.93 6.19
CA LEU A 93 -5.01 -1.30 5.81
C LEU A 93 -5.99 -2.37 5.36
N ARG A 94 -6.98 -2.69 6.20
CA ARG A 94 -8.03 -3.62 5.82
C ARG A 94 -9.14 -2.89 5.07
N GLY A 95 -9.71 -3.57 4.09
CA GLY A 95 -10.75 -2.99 3.26
C GLY A 95 -12.13 -3.53 3.57
N GLU A 96 -13.16 -2.82 3.10
CA GLU A 96 -14.52 -3.27 3.33
C GLU A 96 -14.82 -4.57 2.57
N ASP A 97 -14.17 -4.78 1.43
CA ASP A 97 -14.39 -5.99 0.65
C ASP A 97 -13.62 -7.20 1.19
N GLY A 98 -12.64 -6.96 2.07
CA GLY A 98 -11.79 -8.02 2.59
C GLY A 98 -10.35 -7.93 2.17
N SER A 99 -10.00 -6.98 1.31
CA SER A 99 -8.61 -6.83 0.89
C SER A 99 -7.76 -6.28 2.03
N VAL A 100 -6.45 -6.45 1.91
CA VAL A 100 -5.50 -6.02 2.92
C VAL A 100 -4.34 -5.30 2.24
N TRP A 101 -4.26 -3.98 2.43
CA TRP A 101 -3.10 -3.21 2.04
C TRP A 101 -2.10 -3.21 3.19
N ASN A 102 -0.83 -3.47 2.89
CA ASN A 102 0.21 -3.52 3.90
C ASN A 102 1.40 -2.69 3.45
N TYR A 103 1.95 -1.90 4.37
CA TYR A 103 3.09 -1.03 4.09
C TYR A 103 4.26 -1.43 4.97
N LYS A 104 5.35 -1.88 4.34
CA LYS A 104 6.59 -2.14 5.06
C LYS A 104 7.48 -0.91 5.01
N PRO A 105 7.91 -0.38 6.16
CA PRO A 105 8.70 0.86 6.17
C PRO A 105 10.06 0.65 5.57
N PRO A 106 10.75 1.73 5.09
CA PRO A 106 12.08 1.60 4.51
C PRO A 106 13.15 1.52 5.57
N ALA A 107 14.40 1.59 5.15
CA ALA A 107 15.53 1.49 6.11
C ALA A 107 16.23 2.81 6.44
N ASP A 108 17.20 3.21 5.60
CA ASP A 108 17.96 4.46 5.87
C ASP A 108 19.15 4.55 4.90
N LYS A 112 16.45 11.35 3.30
CA LYS A 112 15.07 11.81 3.46
C LYS A 112 14.08 10.67 3.20
N GLU A 113 14.49 9.46 3.57
CA GLU A 113 13.64 8.28 3.41
C GLU A 113 12.94 7.86 4.70
N ILE A 114 13.49 8.21 5.86
CA ILE A 114 12.88 7.85 7.14
C ILE A 114 11.75 8.80 7.54
N PHE A 115 11.41 9.77 6.69
CA PHE A 115 10.32 10.70 6.95
C PHE A 115 9.03 10.32 6.24
N SER A 116 8.86 9.03 5.90
CA SER A 116 7.73 8.62 5.09
C SER A 116 6.46 8.42 5.92
N LEU A 117 6.59 8.01 7.18
CA LEU A 117 5.43 7.76 8.02
C LEU A 117 5.01 8.96 8.85
N LEU A 118 5.80 10.03 8.87
CA LEU A 118 5.46 11.18 9.69
C LEU A 118 4.15 11.85 9.30
N PRO A 119 3.88 12.14 8.01
CA PRO A 119 2.59 12.79 7.69
C PRO A 119 1.38 11.98 8.12
N HIS A 120 1.45 10.65 8.07
CA HIS A 120 0.33 9.84 8.52
C HIS A 120 0.18 9.90 10.04
N MET A 121 1.29 9.80 10.77
CA MET A 121 1.22 9.85 12.23
C MET A 121 0.82 11.24 12.72
N ALA A 122 1.17 12.29 11.98
CA ALA A 122 0.68 13.62 12.33
C ALA A 122 -0.84 13.69 12.19
N ASP A 123 -1.38 13.07 11.15
CA ASP A 123 -2.83 13.02 10.99
C ASP A 123 -3.46 12.15 12.06
N MET A 124 -2.79 11.06 12.45
CA MET A 124 -3.33 10.19 13.49
C MET A 124 -3.29 10.88 14.86
N SER A 125 -2.17 11.53 15.17
CA SER A 125 -2.05 12.21 16.47
C SER A 125 -3.02 13.38 16.57
N THR A 126 -3.15 14.18 15.51
CA THR A 126 -4.08 15.29 15.54
C THR A 126 -5.51 14.80 15.74
N TYR A 127 -5.88 13.70 15.07
CA TYR A 127 -7.20 13.11 15.30
C TYR A 127 -7.36 12.65 16.74
N MET A 128 -6.30 12.08 17.31
CA MET A 128 -6.35 11.68 18.72
C MET A 128 -6.39 12.89 19.63
N PHE A 129 -5.63 13.94 19.32
CA PHE A 129 -5.63 15.15 20.13
C PHE A 129 -7.01 15.77 20.19
N LYS A 130 -7.70 15.84 19.03
CA LYS A 130 -9.04 16.41 19.00
C LYS A 130 -10.00 15.63 19.89
N GLY A 131 -9.85 14.30 19.95
CA GLY A 131 -10.67 13.52 20.85
C GLY A 131 -10.30 13.72 22.30
N ILE A 132 -9.03 14.05 22.58
CA ILE A 132 -8.62 14.35 23.93
C ILE A 132 -9.18 15.69 24.38
N ILE A 133 -9.15 16.69 23.49
CA ILE A 133 -9.70 18.00 23.82
C ILE A 133 -11.19 17.89 24.12
N SER A 134 -11.92 17.12 23.31
CA SER A 134 -13.35 16.94 23.56
C SER A 134 -13.59 16.21 24.86
N PHE A 135 -12.69 15.29 25.24
CA PHE A 135 -12.83 14.57 26.51
C PHE A 135 -12.75 15.53 27.68
N ALA A 136 -11.75 16.42 27.66
CA ALA A 136 -11.60 17.38 28.76
C ALA A 136 -12.75 18.37 28.83
N LYS A 137 -13.34 18.73 27.69
CA LYS A 137 -14.42 19.70 27.71
C LYS A 137 -15.70 19.15 28.33
N VAL A 138 -15.89 17.83 28.27
CA VAL A 138 -17.09 17.25 28.87
C VAL A 138 -17.00 17.26 30.39
N ILE A 139 -15.79 17.14 30.94
CA ILE A 139 -15.62 17.12 32.39
C ILE A 139 -15.98 18.48 32.97
N SER A 140 -16.85 18.49 33.97
CA SER A 140 -17.29 19.75 34.56
C SER A 140 -16.17 20.41 35.34
N TYR A 141 -15.34 19.62 36.04
CA TYR A 141 -14.23 20.19 36.79
C TYR A 141 -13.23 20.91 35.91
N PHE A 142 -13.16 20.54 34.63
CA PHE A 142 -12.25 21.14 33.67
C PHE A 142 -12.81 22.42 33.07
N ARG A 143 -14.13 22.48 32.86
CA ARG A 143 -14.73 23.68 32.28
C ARG A 143 -14.64 24.87 33.23
N ASP A 144 -14.70 24.61 34.53
CA ASP A 144 -14.66 25.68 35.52
C ASP A 144 -13.30 26.36 35.62
N LEU A 145 -12.26 25.78 35.04
CA LEU A 145 -10.95 26.41 35.06
C LEU A 145 -10.87 27.53 34.03
N PRO A 146 -10.00 28.52 34.25
CA PRO A 146 -9.81 29.56 33.23
C PRO A 146 -9.31 28.98 31.92
N ILE A 147 -9.59 29.68 30.83
CA ILE A 147 -9.28 29.17 29.50
C ILE A 147 -7.77 28.99 29.33
N GLU A 148 -6.96 29.80 30.01
CA GLU A 148 -5.52 29.65 29.91
C GLU A 148 -5.03 28.40 30.63
N ASP A 149 -5.56 28.13 31.83
CA ASP A 149 -5.20 26.91 32.53
C ASP A 149 -5.70 25.67 31.79
N GLN A 150 -6.84 25.78 31.11
CA GLN A 150 -7.30 24.67 30.28
C GLN A 150 -6.34 24.41 29.13
N ILE A 151 -5.82 25.47 28.52
CA ILE A 151 -4.85 25.31 27.45
C ILE A 151 -3.54 24.74 27.99
N SER A 152 -3.10 25.22 29.16
CA SER A 152 -1.85 24.75 29.73
C SER A 152 -1.93 23.28 30.13
N LEU A 153 -3.06 22.86 30.68
CA LEU A 153 -3.22 21.45 31.05
C LEU A 153 -3.28 20.56 29.81
N LEU A 154 -4.03 20.99 28.79
CA LEU A 154 -4.08 20.21 27.56
C LEU A 154 -2.76 20.23 26.81
N LYS A 155 -1.97 21.29 26.99
CA LYS A 155 -0.69 21.38 26.29
C LYS A 155 0.34 20.42 26.88
N GLY A 156 0.19 20.05 28.15
CA GLY A 156 1.16 19.20 28.80
C GLY A 156 0.73 17.75 28.93
N ALA A 157 -0.57 17.47 28.73
CA ALA A 157 -1.10 16.13 28.89
C ALA A 157 -1.67 15.56 27.59
N ALA A 158 -1.47 16.23 26.45
CA ALA A 158 -2.01 15.75 25.19
C ALA A 158 -1.36 14.44 24.78
N PHE A 159 -0.03 14.38 24.86
CA PHE A 159 0.68 13.15 24.48
C PHE A 159 0.39 12.03 25.45
N GLU A 160 0.30 12.34 26.74
CA GLU A 160 0.10 11.30 27.75
C GLU A 160 -1.28 10.67 27.63
N LEU A 161 -2.32 11.48 27.42
CA LEU A 161 -3.66 10.95 27.32
C LEU A 161 -3.89 10.16 26.03
N CYS A 162 -3.12 10.42 24.98
CA CYS A 162 -3.24 9.63 23.76
C CYS A 162 -2.60 8.26 23.94
N GLN A 163 -1.46 8.20 24.62
CA GLN A 163 -0.83 6.92 24.88
C GLN A 163 -1.70 6.06 25.78
N LEU A 164 -2.40 6.68 26.73
CA LEU A 164 -3.33 5.93 27.57
C LEU A 164 -4.48 5.38 26.77
N ARG A 165 -5.00 6.16 25.80
CA ARG A 165 -6.03 5.65 24.92
C ARG A 165 -5.48 4.63 23.94
N PHE A 166 -4.25 4.85 23.45
CA PHE A 166 -3.63 3.90 22.53
C PHE A 166 -3.35 2.56 23.22
N ASN A 167 -3.11 2.57 24.53
CA ASN A 167 -2.82 1.32 25.22
C ASN A 167 -4.03 0.39 25.25
N THR A 168 -5.24 0.96 25.26
CA THR A 168 -6.44 0.13 25.31
C THR A 168 -6.66 -0.64 24.01
N VAL A 169 -6.04 -0.21 22.91
CA VAL A 169 -6.15 -0.90 21.63
C VAL A 169 -4.84 -1.59 21.27
N PHE A 170 -3.93 -1.74 22.21
CA PHE A 170 -2.64 -2.38 21.97
C PHE A 170 -2.73 -3.87 22.30
N ASN A 171 -2.23 -4.69 21.39
CA ASN A 171 -2.19 -6.14 21.58
C ASN A 171 -0.77 -6.54 21.98
N ALA A 172 -0.62 -7.04 23.21
CA ALA A 172 0.71 -7.42 23.69
C ALA A 172 1.24 -8.66 22.99
N GLU A 173 0.34 -9.60 22.66
CA GLU A 173 0.78 -10.84 22.03
C GLU A 173 1.31 -10.58 20.62
N THR A 174 0.54 -9.89 19.79
CA THR A 174 0.94 -9.61 18.41
C THR A 174 1.78 -8.36 18.28
N GLY A 175 1.93 -7.57 19.34
CA GLY A 175 2.67 -6.32 19.26
C GLY A 175 2.09 -5.32 18.27
N THR A 176 0.77 -5.20 18.24
CA THR A 176 0.09 -4.38 17.24
C THR A 176 -0.94 -3.48 17.91
N TRP A 177 -0.99 -2.22 17.46
CA TRP A 177 -2.03 -1.29 17.86
C TRP A 177 -3.19 -1.41 16.87
N GLU A 178 -4.27 -2.05 17.29
CA GLU A 178 -5.40 -2.35 16.41
C GLU A 178 -6.38 -1.18 16.48
N CYS A 179 -6.33 -0.32 15.46
CA CYS A 179 -7.18 0.86 15.40
C CYS A 179 -8.31 0.65 14.38
N GLY A 180 -9.07 -0.42 14.60
CA GLY A 180 -10.13 -0.80 13.69
C GLY A 180 -9.62 -1.28 12.35
N ARG A 181 -9.83 -0.49 11.31
CA ARG A 181 -9.32 -0.84 9.99
C ARG A 181 -7.80 -0.66 9.90
N LEU A 182 -7.21 0.13 10.78
CA LEU A 182 -5.77 0.37 10.78
C LEU A 182 -5.10 -0.48 11.85
N SER A 183 -3.88 -0.93 11.55
CA SER A 183 -3.07 -1.69 12.48
C SER A 183 -1.62 -1.23 12.37
N TYR A 184 -0.93 -1.20 13.50
CA TYR A 184 0.47 -0.77 13.57
C TYR A 184 1.25 -1.85 14.31
N CYS A 185 1.95 -2.70 13.56
CA CYS A 185 2.71 -3.81 14.12
C CYS A 185 4.18 -3.41 14.20
N LEU A 186 4.79 -3.65 15.36
CA LEU A 186 6.17 -3.25 15.59
C LEU A 186 7.13 -4.18 14.85
N GLU A 187 8.39 -3.75 14.82
CA GLU A 187 9.48 -4.51 14.22
C GLU A 187 10.73 -4.35 15.09
N ASP A 188 11.55 -5.40 15.13
CA ASP A 188 12.76 -5.37 15.95
C ASP A 188 13.87 -4.59 15.24
N GLN A 194 13.75 -8.59 24.13
CA GLN A 194 14.28 -7.47 24.91
C GLN A 194 14.84 -6.39 23.99
N GLN A 195 14.82 -6.65 22.68
CA GLN A 195 15.27 -5.67 21.70
C GLN A 195 14.35 -4.45 21.66
N LEU A 196 13.08 -4.60 22.04
CA LEU A 196 12.16 -3.48 22.04
C LEU A 196 11.93 -2.89 23.42
N LEU A 197 12.27 -3.63 24.48
CA LEU A 197 12.13 -3.12 25.84
C LEU A 197 13.12 -1.99 26.15
N LEU A 198 14.14 -1.80 25.31
CA LEU A 198 15.08 -0.71 25.55
C LEU A 198 14.41 0.65 25.45
N GLU A 199 13.54 0.82 24.46
CA GLU A 199 12.79 2.07 24.33
C GLU A 199 11.76 2.16 25.44
N PRO A 200 11.73 3.25 26.22
CA PRO A 200 10.74 3.37 27.29
C PRO A 200 9.30 3.40 26.78
N MET A 201 9.08 3.84 25.55
CA MET A 201 7.73 3.92 25.01
C MET A 201 7.12 2.53 24.85
N LEU A 202 7.84 1.63 24.17
CA LEU A 202 7.33 0.27 23.99
C LEU A 202 7.27 -0.47 25.32
N LYS A 203 8.21 -0.20 26.23
CA LYS A 203 8.15 -0.82 27.54
C LYS A 203 6.97 -0.33 28.35
N PHE A 204 6.58 0.94 28.15
CA PHE A 204 5.42 1.47 28.86
C PHE A 204 4.14 0.74 28.45
N HIS A 205 3.96 0.49 27.15
CA HIS A 205 2.72 -0.15 26.70
C HIS A 205 2.64 -1.59 27.16
N TYR A 206 3.76 -2.30 27.23
CA TYR A 206 3.74 -3.68 27.66
C TYR A 206 3.51 -3.78 29.17
N MET A 207 4.17 -2.91 29.95
CA MET A 207 3.97 -2.94 31.40
C MET A 207 2.57 -2.51 31.78
N LEU A 208 2.03 -1.49 31.11
CA LEU A 208 0.69 -1.03 31.44
C LEU A 208 -0.36 -2.08 31.07
N LYS A 209 -0.17 -2.75 29.93
CA LYS A 209 -1.12 -3.78 29.51
C LYS A 209 -1.10 -4.97 30.47
N LYS A 210 0.05 -5.27 31.07
CA LYS A 210 0.13 -6.41 31.99
C LYS A 210 -0.70 -6.17 33.25
N LEU A 211 -0.92 -4.90 33.63
CA LEU A 211 -1.76 -4.61 34.79
C LEU A 211 -3.21 -4.97 34.56
N GLN A 212 -3.64 -5.07 33.30
CA GLN A 212 -5.01 -5.41 32.93
C GLN A 212 -6.02 -4.54 33.68
N LEU A 213 -5.94 -3.25 33.42
CA LEU A 213 -6.78 -2.28 34.11
C LEU A 213 -8.18 -2.22 33.50
N HIS A 214 -9.13 -1.81 34.33
CA HIS A 214 -10.51 -1.66 33.90
C HIS A 214 -10.69 -0.37 33.11
N GLU A 215 -11.89 -0.20 32.55
CA GLU A 215 -12.21 1.04 31.85
C GLU A 215 -12.22 2.22 32.80
N GLU A 216 -12.74 2.02 34.01
CA GLU A 216 -12.78 3.10 34.99
C GLU A 216 -11.38 3.47 35.47
N GLU A 217 -10.47 2.50 35.54
CA GLU A 217 -9.11 2.81 35.96
C GLU A 217 -8.35 3.54 34.86
N TYR A 218 -8.62 3.18 33.59
CA TYR A 218 -7.99 3.90 32.48
C TYR A 218 -8.42 5.36 32.45
N VAL A 219 -9.73 5.61 32.54
CA VAL A 219 -10.21 6.98 32.47
C VAL A 219 -9.82 7.78 33.70
N LEU A 220 -9.57 7.11 34.84
CA LEU A 220 -9.07 7.81 36.01
C LEU A 220 -7.60 8.19 35.84
N MET A 221 -6.82 7.37 35.14
CA MET A 221 -5.45 7.75 34.82
C MET A 221 -5.42 8.99 33.95
N GLN A 222 -6.37 9.11 33.02
CA GLN A 222 -6.44 10.29 32.16
C GLN A 222 -6.74 11.54 32.98
N ALA A 223 -7.61 11.42 33.98
CA ALA A 223 -7.92 12.58 34.81
C ALA A 223 -6.73 12.99 35.67
N ILE A 224 -6.04 12.01 36.26
CA ILE A 224 -4.86 12.32 37.06
C ILE A 224 -3.77 12.92 36.18
N SER A 225 -3.66 12.44 34.94
CA SER A 225 -2.65 12.98 34.03
C SER A 225 -3.06 14.35 33.50
N LEU A 226 -4.35 14.54 33.23
CA LEU A 226 -4.81 15.83 32.72
C LEU A 226 -4.69 16.92 33.78
N PHE A 227 -5.12 16.62 35.01
CA PHE A 227 -5.08 17.62 36.09
C PHE A 227 -3.74 17.61 36.82
N SER A 228 -2.66 17.74 36.07
CA SER A 228 -1.34 17.84 36.68
C SER A 228 -1.08 19.30 37.06
N PRO A 229 -0.92 19.61 38.35
CA PRO A 229 -0.75 21.02 38.74
C PRO A 229 0.58 21.62 38.34
N ASP A 230 1.60 20.81 38.09
CA ASP A 230 2.95 21.30 37.76
C ASP A 230 3.21 21.36 36.26
N ARG A 231 2.18 21.67 35.46
CA ARG A 231 2.41 21.89 34.05
C ARG A 231 2.87 23.32 33.80
N PRO A 232 3.72 23.54 32.79
CA PRO A 232 4.15 24.91 32.49
C PRO A 232 2.98 25.80 32.09
N GLY A 233 2.85 26.92 32.77
CA GLY A 233 1.81 27.90 32.48
C GLY A 233 0.58 27.82 33.35
N VAL A 234 0.51 26.84 34.25
CA VAL A 234 -0.67 26.69 35.10
C VAL A 234 -0.64 27.75 36.20
N LEU A 235 -1.79 28.39 36.42
CA LEU A 235 -1.93 29.41 37.44
C LEU A 235 -2.64 28.91 38.70
N GLN A 236 -3.81 28.28 38.54
CA GLN A 236 -4.58 27.77 39.66
C GLN A 236 -3.95 26.46 40.16
N HIS A 237 -2.81 26.60 40.83
CA HIS A 237 -2.06 25.43 41.27
C HIS A 237 -2.81 24.64 42.34
N ARG A 238 -3.47 25.35 43.27
CA ARG A 238 -4.12 24.65 44.38
C ARG A 238 -5.35 23.88 43.93
N VAL A 239 -6.13 24.46 42.99
CA VAL A 239 -7.34 23.78 42.53
C VAL A 239 -6.98 22.51 41.76
N VAL A 240 -6.05 22.63 40.82
CA VAL A 240 -5.64 21.47 40.03
C VAL A 240 -4.98 20.41 40.90
N ASP A 241 -4.25 20.83 41.94
CA ASP A 241 -3.63 19.86 42.84
C ASP A 241 -4.68 19.14 43.68
N GLN A 242 -5.64 19.88 44.23
CA GLN A 242 -6.71 19.24 45.00
C GLN A 242 -7.59 18.38 44.10
N LEU A 243 -7.88 18.85 42.89
CA LEU A 243 -8.67 18.04 41.96
C LEU A 243 -7.93 16.76 41.58
N GLN A 244 -6.63 16.85 41.33
CA GLN A 244 -5.86 15.65 41.03
C GLN A 244 -5.83 14.68 42.21
N GLU A 245 -5.73 15.22 43.43
CA GLU A 245 -5.72 14.34 44.60
C GLU A 245 -7.03 13.60 44.75
N GLN A 246 -8.15 14.23 44.40
CA GLN A 246 -9.44 13.57 44.50
C GLN A 246 -9.56 12.44 43.49
N PHE A 247 -9.08 12.65 42.27
CA PHE A 247 -9.07 11.58 41.29
C PHE A 247 -8.15 10.44 41.73
N ALA A 248 -7.03 10.78 42.37
CA ALA A 248 -6.13 9.74 42.88
C ALA A 248 -6.77 8.97 44.02
N ILE A 249 -7.44 9.67 44.93
CA ILE A 249 -8.15 8.99 46.02
C ILE A 249 -9.27 8.12 45.47
N THR A 250 -10.00 8.62 44.47
CA THR A 250 -11.07 7.83 43.87
C THR A 250 -10.52 6.59 43.17
N LEU A 251 -9.40 6.75 42.45
CA LEU A 251 -8.76 5.58 41.83
C LEU A 251 -8.26 4.62 42.89
N LYS A 252 -7.66 5.14 43.96
CA LYS A 252 -7.19 4.27 45.04
C LYS A 252 -8.35 3.56 45.72
N SER A 253 -9.44 4.29 45.97
CA SER A 253 -10.60 3.68 46.63
C SER A 253 -11.31 2.69 45.71
N TYR A 254 -11.30 2.95 44.40
CA TYR A 254 -11.93 2.02 43.47
C TYR A 254 -11.24 0.67 43.47
N ILE A 255 -9.92 0.66 43.59
CA ILE A 255 -9.18 -0.60 43.60
C ILE A 255 -9.45 -1.36 44.89
N GLU A 256 -9.58 -0.66 46.01
CA GLU A 256 -9.83 -1.32 47.28
C GLU A 256 -11.17 -2.03 47.31
N CYS A 257 -12.15 -1.53 46.55
CA CYS A 257 -13.51 -2.05 46.61
C CYS A 257 -13.86 -3.02 45.48
N ASN A 258 -13.07 -3.06 44.41
CA ASN A 258 -13.37 -3.89 43.25
C ASN A 258 -12.27 -4.90 42.93
N ARG A 259 -11.31 -5.08 43.82
CA ARG A 259 -10.22 -6.02 43.64
C ARG A 259 -10.03 -6.84 44.91
N PRO A 260 -9.49 -8.06 44.79
CA PRO A 260 -9.18 -8.85 45.99
C PRO A 260 -8.22 -8.11 46.92
N GLN A 261 -8.09 -8.63 48.13
CA GLN A 261 -7.36 -7.93 49.18
C GLN A 261 -5.85 -7.99 48.98
N PRO A 262 -5.21 -9.19 48.93
CA PRO A 262 -3.74 -9.21 48.90
C PRO A 262 -3.15 -9.13 47.50
N ALA A 263 -3.94 -9.46 46.47
CA ALA A 263 -3.40 -9.57 45.12
C ALA A 263 -3.11 -8.21 44.52
N HIS A 264 -4.03 -7.26 44.66
CA HIS A 264 -3.89 -5.92 44.10
C HIS A 264 -3.59 -4.90 45.20
N ARG A 265 -2.75 -5.31 46.16
CA ARG A 265 -2.39 -4.45 47.27
C ARG A 265 -1.61 -3.22 46.82
N PHE A 266 -0.78 -3.36 45.79
CA PHE A 266 0.06 -2.27 45.30
C PHE A 266 -0.30 -1.86 43.88
N LEU A 267 -1.54 -2.12 43.43
CA LEU A 267 -1.91 -1.76 42.07
C LEU A 267 -1.97 -0.26 41.87
N PHE A 268 -2.43 0.48 42.88
CA PHE A 268 -2.51 1.94 42.76
C PHE A 268 -1.12 2.55 42.63
N LEU A 269 -0.15 2.07 43.42
CA LEU A 269 1.20 2.61 43.32
C LEU A 269 1.87 2.22 42.02
N LYS A 270 1.53 1.06 41.46
CA LYS A 270 2.02 0.70 40.14
C LYS A 270 1.46 1.65 39.08
N ILE A 271 0.19 2.03 39.21
CA ILE A 271 -0.41 2.97 38.26
C ILE A 271 0.27 4.33 38.38
N MET A 272 0.48 4.81 39.60
CA MET A 272 1.16 6.09 39.79
C MET A 272 2.58 6.04 39.26
N ALA A 273 3.24 4.89 39.34
CA ALA A 273 4.59 4.78 38.77
C ALA A 273 4.56 4.84 37.25
N MET A 274 3.53 4.21 36.64
CA MET A 274 3.40 4.27 35.19
C MET A 274 3.09 5.69 34.72
N LEU A 275 2.29 6.43 35.49
CA LEU A 275 2.01 7.82 35.14
C LEU A 275 3.27 8.67 35.26
N THR A 276 4.10 8.40 36.27
CA THR A 276 5.36 9.10 36.41
C THR A 276 6.29 8.79 35.25
N GLU A 277 6.39 7.51 34.88
CA GLU A 277 7.21 7.11 33.74
C GLU A 277 6.66 7.70 32.44
N LEU A 278 5.33 7.76 32.30
CA LEU A 278 4.73 8.32 31.11
C LEU A 278 5.03 9.81 30.96
N ARG A 279 5.18 10.52 32.09
CA ARG A 279 5.52 11.94 32.02
C ARG A 279 6.93 12.15 31.50
N SER A 280 7.86 11.23 31.80
CA SER A 280 9.22 11.34 31.28
C SER A 280 9.25 11.05 29.79
N ILE A 281 8.48 10.06 29.34
CA ILE A 281 8.38 9.75 27.91
C ILE A 281 7.82 10.95 27.15
N ASN A 282 6.91 11.71 27.77
CA ASN A 282 6.37 12.88 27.12
C ASN A 282 7.45 13.93 26.89
N ALA A 283 8.31 14.15 27.89
CA ALA A 283 9.39 15.12 27.73
C ALA A 283 10.40 14.65 26.68
N GLN A 284 10.65 13.34 26.62
CA GLN A 284 11.57 12.81 25.61
C GLN A 284 10.97 12.95 24.22
N HIS A 285 9.71 12.54 24.06
CA HIS A 285 9.07 12.60 22.74
C HIS A 285 8.91 14.06 22.28
N THR A 286 8.54 14.95 23.19
CA THR A 286 8.38 16.36 22.81
C THR A 286 9.69 16.95 22.33
N GLN A 287 10.81 16.52 22.92
CA GLN A 287 12.12 16.99 22.44
C GLN A 287 12.51 16.31 21.14
N ARG A 288 12.13 15.05 20.94
CA ARG A 288 12.43 14.38 19.67
C ARG A 288 11.67 14.99 18.52
N LEU A 289 10.43 15.46 18.76
CA LEU A 289 9.63 16.02 17.68
C LEU A 289 10.13 17.39 17.26
N LEU A 290 10.60 18.19 18.22
CA LEU A 290 11.11 19.52 17.89
C LEU A 290 12.36 19.45 17.03
N ARG A 291 13.20 18.44 17.24
CA ARG A 291 14.37 18.28 16.38
C ARG A 291 13.98 17.86 14.98
N ILE A 292 13.00 16.96 14.86
CA ILE A 292 12.57 16.50 13.55
C ILE A 292 11.81 17.59 12.81
N GLN A 293 10.96 18.32 13.52
CA GLN A 293 10.20 19.41 12.89
C GLN A 293 11.13 20.51 12.39
N ASP A 294 12.22 20.77 13.11
CA ASP A 294 13.16 21.81 12.70
C ASP A 294 13.82 21.47 11.37
N ILE A 295 14.08 20.19 11.12
CA ILE A 295 14.72 19.78 9.87
C ILE A 295 13.70 19.52 8.77
N HIS A 296 12.63 18.79 9.09
CA HIS A 296 11.60 18.41 8.13
C HIS A 296 10.23 18.74 8.71
N PRO A 297 9.62 19.86 8.31
CA PRO A 297 8.30 20.22 8.85
C PRO A 297 7.25 19.19 8.47
N PHE A 298 6.64 18.58 9.50
CA PHE A 298 5.56 17.62 9.31
C PHE A 298 4.40 17.86 10.24
N ALA A 299 4.49 18.85 11.13
CA ALA A 299 3.47 19.04 12.16
C ALA A 299 2.24 19.71 11.58
N THR A 300 1.07 19.17 11.93
CA THR A 300 -0.19 19.82 11.58
C THR A 300 -0.33 21.12 12.38
N PRO A 301 -1.20 22.03 11.94
CA PRO A 301 -1.34 23.30 12.66
C PRO A 301 -1.71 23.14 14.13
N LEU A 302 -2.50 22.11 14.46
CA LEU A 302 -2.86 21.90 15.86
C LEU A 302 -1.67 21.39 16.67
N MET A 303 -0.85 20.52 16.07
CA MET A 303 0.33 20.02 16.76
C MET A 303 1.37 21.13 16.97
N GLN A 304 1.42 22.09 16.05
CA GLN A 304 2.37 23.20 16.21
C GLN A 304 2.04 24.02 17.46
N GLU A 305 0.76 24.21 17.75
CA GLU A 305 0.39 24.99 18.93
C GLU A 305 0.67 24.22 20.22
N LEU A 306 0.38 22.93 20.25
CA LEU A 306 0.58 22.15 21.47
C LEU A 306 2.06 21.92 21.78
N PHE A 307 2.95 22.13 20.81
CA PHE A 307 4.36 21.83 20.98
C PHE A 307 5.23 23.08 21.07
N GLY A 308 4.67 24.26 20.84
CA GLY A 308 5.44 25.49 20.96
C GLY A 308 6.05 26.01 19.67
N ILE A 309 5.47 25.65 18.53
CA ILE A 309 6.02 26.04 17.24
C ILE A 309 5.23 27.22 16.69
N THR A 310 5.86 27.97 15.78
CA THR A 310 5.23 29.13 15.15
C THR A 310 5.31 29.04 13.62
N SER A 323 0.07 36.60 24.20
CA SER A 323 -0.71 35.91 25.22
C SER A 323 -0.76 34.40 24.95
N LEU A 324 -1.25 33.65 25.95
CA LEU A 324 -1.33 32.20 25.79
C LEU A 324 -2.35 31.83 24.71
N THR A 325 -3.42 32.62 24.56
CA THR A 325 -4.39 32.39 23.50
C THR A 325 -3.95 32.98 22.17
N GLU A 326 -2.91 33.82 22.17
CA GLU A 326 -2.39 34.35 20.92
C GLU A 326 -1.58 33.30 20.17
N ARG A 327 -0.85 32.46 20.91
CA ARG A 327 -0.05 31.40 20.33
C ARG A 327 -0.79 30.06 20.30
N HIS A 328 -2.05 30.02 20.72
CA HIS A 328 -2.85 28.80 20.71
C HIS A 328 -4.26 29.12 20.23
N LYS A 329 -4.36 29.72 19.04
CA LYS A 329 -5.67 30.15 18.53
C LYS A 329 -6.54 28.95 18.14
N ILE A 330 -5.93 27.93 17.52
CA ILE A 330 -6.71 26.74 17.15
C ILE A 330 -7.20 26.03 18.39
N LEU A 331 -6.31 25.78 19.34
CA LEU A 331 -6.71 25.12 20.59
C LEU A 331 -7.73 25.95 21.34
N HIS A 332 -7.64 27.28 21.27
CA HIS A 332 -8.61 28.14 21.95
C HIS A 332 -9.99 28.02 21.31
N ARG A 333 -10.05 27.95 19.97
CA ARG A 333 -11.34 27.87 19.29
C ARG A 333 -12.03 26.54 19.58
N LEU A 334 -11.27 25.44 19.62
CA LEU A 334 -11.85 24.14 19.88
C LEU A 334 -12.45 24.06 21.28
N LEU A 335 -11.95 24.88 22.22
CA LEU A 335 -12.48 24.88 23.57
C LEU A 335 -13.76 25.70 23.70
N GLN A 336 -14.01 26.63 22.77
CA GLN A 336 -15.23 27.45 22.85
C GLN A 336 -16.44 26.68 22.35
N GLU A 337 -16.31 25.99 21.22
CA GLU A 337 -17.43 25.27 20.61
C GLU A 337 -17.88 24.11 21.48
N GLY B 20 26.08 -21.26 -38.73
CA GLY B 20 26.17 -20.08 -39.58
C GLY B 20 24.87 -19.72 -40.24
N LEU B 21 24.41 -18.49 -40.03
CA LEU B 21 23.19 -17.98 -40.62
C LEU B 21 23.51 -17.08 -41.80
N THR B 22 22.55 -16.96 -42.73
CA THR B 22 22.71 -16.06 -43.85
C THR B 22 22.75 -14.62 -43.35
N GLU B 23 23.26 -13.72 -44.20
CA GLU B 23 23.45 -12.34 -43.78
C GLU B 23 22.13 -11.66 -43.47
N GLU B 24 21.06 -11.98 -44.21
CA GLU B 24 19.76 -11.41 -43.89
C GLU B 24 19.21 -11.96 -42.59
N GLN B 25 19.39 -13.27 -42.36
CA GLN B 25 18.96 -13.85 -41.09
C GLN B 25 19.69 -13.21 -39.92
N ARG B 26 20.99 -12.89 -40.10
CA ARG B 26 21.70 -12.14 -39.09
C ARG B 26 21.16 -10.73 -38.96
N MET B 27 20.88 -10.07 -40.09
CA MET B 27 20.28 -8.74 -40.05
C MET B 27 18.87 -8.78 -39.47
N MET B 28 18.12 -9.83 -39.78
CA MET B 28 16.74 -9.91 -39.32
C MET B 28 16.66 -10.04 -37.81
N ILE B 29 17.57 -10.81 -37.22
CA ILE B 29 17.57 -10.96 -35.76
C ILE B 29 18.07 -9.69 -35.09
N ARG B 30 19.09 -9.05 -35.66
CA ARG B 30 19.66 -7.86 -35.04
C ARG B 30 18.66 -6.71 -35.04
N GLU B 31 17.80 -6.61 -36.05
CA GLU B 31 16.78 -5.58 -36.04
C GLU B 31 15.70 -5.88 -35.01
N LEU B 32 15.28 -7.15 -34.91
CA LEU B 32 14.30 -7.53 -33.91
C LEU B 32 14.85 -7.37 -32.49
N MET B 33 16.14 -7.68 -32.30
CA MET B 33 16.77 -7.47 -31.01
C MET B 33 16.88 -5.99 -30.68
N ASP B 34 17.27 -5.18 -31.68
CA ASP B 34 17.34 -3.74 -31.45
C ASP B 34 15.96 -3.16 -31.18
N ALA B 35 14.93 -3.65 -31.88
CA ALA B 35 13.58 -3.17 -31.66
C ALA B 35 13.06 -3.58 -30.29
N GLN B 36 13.42 -4.77 -29.83
CA GLN B 36 12.99 -5.22 -28.51
C GLN B 36 13.61 -4.36 -27.41
N MET B 37 14.90 -4.06 -27.51
CA MET B 37 15.59 -3.30 -26.48
C MET B 37 15.03 -1.88 -26.37
N LYS B 38 14.71 -1.26 -27.51
CA LYS B 38 14.25 0.12 -27.51
C LYS B 38 12.80 0.27 -27.05
N THR B 39 12.00 -0.79 -27.11
CA THR B 39 10.57 -0.68 -26.89
C THR B 39 10.07 -1.51 -25.72
N PHE B 40 10.95 -2.15 -24.96
CA PHE B 40 10.55 -2.97 -23.81
C PHE B 40 11.12 -2.32 -22.55
N ASP B 41 10.26 -1.67 -21.78
CA ASP B 41 10.65 -1.13 -20.48
C ASP B 41 10.59 -2.27 -19.47
N THR B 42 11.68 -3.03 -19.40
CA THR B 42 11.71 -4.21 -18.53
C THR B 42 11.63 -3.85 -17.06
N THR B 43 12.11 -2.65 -16.69
CA THR B 43 11.99 -2.18 -15.32
C THR B 43 10.66 -1.52 -15.03
N PHE B 44 9.86 -1.24 -16.06
CA PHE B 44 8.55 -0.59 -15.92
C PHE B 44 8.66 0.73 -15.19
N SER B 45 9.78 1.43 -15.38
CA SER B 45 10.01 2.69 -14.69
C SER B 45 9.13 3.81 -15.24
N HIS B 46 8.77 3.74 -16.51
CA HIS B 46 7.92 4.74 -17.14
C HIS B 46 6.43 4.39 -17.03
N PHE B 47 6.12 3.43 -16.18
CA PHE B 47 4.72 3.05 -15.90
C PHE B 47 4.30 3.75 -14.62
N LYS B 48 3.34 4.66 -14.78
CA LYS B 48 3.00 5.72 -13.79
C LYS B 48 1.53 6.03 -14.00
N ASN B 49 0.90 6.67 -13.02
CA ASN B 49 -0.51 7.09 -13.20
C ASN B 49 -1.34 5.84 -13.51
N PHE B 50 -1.21 4.82 -12.66
CA PHE B 50 -1.99 3.58 -12.84
C PHE B 50 -3.04 3.52 -11.74
N ARG B 51 -4.22 3.00 -12.06
CA ARG B 51 -5.21 2.80 -11.02
C ARG B 51 -4.77 1.69 -10.06
N LEU B 52 -5.27 1.78 -8.83
CA LEU B 52 -4.99 0.80 -7.79
C LEU B 52 -6.27 0.51 -7.02
N PRO B 53 -6.40 -0.68 -6.44
CA PRO B 53 -7.58 -0.96 -5.60
C PRO B 53 -7.65 0.03 -4.44
N GLY B 54 -8.83 0.60 -4.26
CA GLY B 54 -9.00 1.65 -3.26
C GLY B 54 -8.79 1.14 -1.85
N VAL B 55 -8.43 2.07 -0.98
CA VAL B 55 -8.18 1.77 0.43
C VAL B 55 -9.51 1.74 1.19
N TRP B 77 -22.97 -14.73 -14.46
CA TRP B 77 -22.01 -14.41 -13.42
C TRP B 77 -21.22 -15.65 -12.99
N SER B 78 -21.89 -16.81 -13.00
CA SER B 78 -21.21 -18.05 -12.62
C SER B 78 -20.13 -18.43 -13.62
N GLN B 79 -20.33 -18.09 -14.90
CA GLN B 79 -19.31 -18.37 -15.91
C GLN B 79 -18.13 -17.41 -15.82
N VAL B 80 -18.30 -16.27 -15.16
CA VAL B 80 -17.23 -15.28 -15.05
C VAL B 80 -16.29 -15.60 -13.89
N ARG B 81 -16.85 -15.94 -12.72
CA ARG B 81 -16.02 -16.13 -11.53
C ARG B 81 -15.12 -17.35 -11.65
N LYS B 82 -15.51 -18.35 -12.44
CA LYS B 82 -14.69 -19.56 -12.57
C LYS B 82 -13.35 -19.27 -13.23
N ASP B 83 -13.24 -18.16 -13.96
CA ASP B 83 -12.01 -17.84 -14.66
C ASP B 83 -11.07 -16.97 -13.82
N LEU B 84 -11.63 -16.06 -13.01
CA LEU B 84 -10.80 -15.12 -12.27
C LEU B 84 -10.07 -15.78 -11.10
N CYS B 85 -10.62 -16.88 -10.57
CA CYS B 85 -9.98 -17.53 -9.42
C CYS B 85 -8.64 -18.17 -9.81
N SER B 86 -8.50 -18.58 -11.07
CA SER B 86 -7.26 -19.23 -11.49
C SER B 86 -6.10 -18.24 -11.50
N LEU B 87 -6.34 -17.01 -11.96
CA LEU B 87 -5.31 -15.99 -12.08
C LEU B 87 -5.30 -15.03 -10.89
N LYS B 88 -5.67 -15.50 -9.71
CA LYS B 88 -5.68 -14.64 -8.52
C LYS B 88 -4.25 -14.34 -8.08
N VAL B 89 -3.88 -13.06 -8.07
CA VAL B 89 -2.54 -12.63 -7.73
C VAL B 89 -2.60 -11.54 -6.69
N SER B 90 -1.49 -11.40 -5.95
CA SER B 90 -1.29 -10.29 -5.02
C SER B 90 -0.30 -9.30 -5.61
N LEU B 91 -0.56 -8.02 -5.40
CA LEU B 91 0.22 -6.95 -6.00
C LEU B 91 1.22 -6.40 -4.99
N GLN B 92 2.48 -6.30 -5.41
CA GLN B 92 3.54 -5.71 -4.61
C GLN B 92 4.15 -4.54 -5.36
N LEU B 93 4.44 -3.47 -4.63
CA LEU B 93 4.92 -2.22 -5.22
C LEU B 93 6.10 -1.72 -4.40
N ARG B 94 7.31 -1.97 -4.89
CA ARG B 94 8.51 -1.47 -4.23
C ARG B 94 8.75 -0.01 -4.57
N GLY B 95 9.35 0.72 -3.63
CA GLY B 95 9.66 2.11 -3.85
C GLY B 95 11.15 2.37 -3.93
N GLU B 96 11.53 3.54 -4.46
CA GLU B 96 12.95 3.88 -4.55
C GLU B 96 13.58 4.02 -3.17
N ASP B 97 12.79 4.38 -2.16
CA ASP B 97 13.31 4.53 -0.81
C ASP B 97 13.56 3.20 -0.14
N GLY B 98 12.94 2.12 -0.61
CA GLY B 98 13.06 0.81 0.00
C GLY B 98 11.77 0.30 0.62
N SER B 99 10.74 1.14 0.73
CA SER B 99 9.47 0.70 1.28
C SER B 99 8.77 -0.24 0.30
N VAL B 100 7.85 -1.05 0.84
CA VAL B 100 7.14 -2.05 0.07
C VAL B 100 5.66 -1.97 0.43
N TRP B 101 4.84 -1.59 -0.54
CA TRP B 101 3.39 -1.73 -0.43
C TRP B 101 2.98 -3.09 -0.96
N ASN B 102 2.10 -3.77 -0.23
CA ASN B 102 1.63 -5.10 -0.61
C ASN B 102 0.11 -5.13 -0.54
N TYR B 103 -0.51 -5.71 -1.56
CA TYR B 103 -1.97 -5.79 -1.65
C TYR B 103 -2.38 -7.25 -1.77
N LYS B 104 -3.06 -7.76 -0.74
CA LYS B 104 -3.67 -9.08 -0.80
C LYS B 104 -5.12 -8.93 -1.24
N PRO B 105 -5.55 -9.60 -2.30
CA PRO B 105 -6.91 -9.38 -2.81
C PRO B 105 -7.94 -10.02 -1.90
N PRO B 106 -9.20 -9.57 -1.97
CA PRO B 106 -10.25 -10.18 -1.16
C PRO B 106 -10.54 -11.61 -1.62
N ALA B 107 -11.08 -12.39 -0.69
CA ALA B 107 -11.38 -13.79 -0.98
C ALA B 107 -12.66 -13.91 -1.81
N ASP B 108 -12.94 -15.14 -2.23
CA ASP B 108 -14.10 -15.40 -3.07
C ASP B 108 -15.37 -15.39 -2.23
N SER B 109 -16.31 -14.52 -2.58
CA SER B 109 -17.57 -14.42 -1.86
C SER B 109 -18.66 -13.82 -2.75
N LYS B 112 -18.88 -7.90 -6.12
CA LYS B 112 -18.07 -6.94 -6.86
C LYS B 112 -16.67 -6.81 -6.25
N GLU B 113 -16.16 -7.92 -5.72
CA GLU B 113 -14.83 -7.94 -5.11
C GLU B 113 -13.78 -8.61 -5.98
N ILE B 114 -14.19 -9.44 -6.94
CA ILE B 114 -13.23 -10.09 -7.85
C ILE B 114 -12.84 -9.19 -9.01
N PHE B 115 -13.45 -8.01 -9.14
CA PHE B 115 -13.14 -7.07 -10.20
C PHE B 115 -12.40 -5.83 -9.67
N SER B 116 -11.71 -5.97 -8.54
CA SER B 116 -11.00 -4.84 -7.96
C SER B 116 -9.64 -4.60 -8.61
N LEU B 117 -8.95 -5.66 -9.02
CA LEU B 117 -7.65 -5.54 -9.66
C LEU B 117 -7.74 -5.28 -11.15
N LEU B 118 -8.91 -5.46 -11.76
CA LEU B 118 -9.03 -5.30 -13.21
C LEU B 118 -8.71 -3.89 -13.69
N PRO B 119 -9.15 -2.80 -13.03
CA PRO B 119 -8.73 -1.47 -13.49
C PRO B 119 -7.22 -1.28 -13.51
N HIS B 120 -6.51 -1.89 -12.55
CA HIS B 120 -5.05 -1.81 -12.57
C HIS B 120 -4.48 -2.67 -13.70
N MET B 121 -5.01 -3.87 -13.89
CA MET B 121 -4.50 -4.75 -14.94
C MET B 121 -4.82 -4.21 -16.32
N ALA B 122 -5.92 -3.48 -16.47
CA ALA B 122 -6.19 -2.81 -17.75
C ALA B 122 -5.16 -1.72 -18.00
N ASP B 123 -4.79 -0.97 -16.97
CA ASP B 123 -3.75 0.05 -17.12
C ASP B 123 -2.39 -0.59 -17.39
N MET B 124 -2.12 -1.75 -16.79
CA MET B 124 -0.86 -2.43 -17.06
C MET B 124 -0.85 -3.01 -18.47
N SER B 125 -1.93 -3.66 -18.89
CA SER B 125 -1.99 -4.24 -20.23
C SER B 125 -1.88 -3.16 -21.30
N THR B 126 -2.47 -1.99 -21.05
CA THR B 126 -2.39 -0.91 -22.03
C THR B 126 -0.96 -0.40 -22.17
N TYR B 127 -0.24 -0.27 -21.05
CA TYR B 127 1.15 0.17 -21.12
C TYR B 127 2.02 -0.85 -21.85
N MET B 128 1.77 -2.15 -21.61
CA MET B 128 2.52 -3.18 -22.32
C MET B 128 2.24 -3.13 -23.81
N PHE B 129 0.99 -2.91 -24.20
CA PHE B 129 0.67 -2.88 -25.63
C PHE B 129 1.24 -1.63 -26.30
N LYS B 130 1.30 -0.51 -25.58
CA LYS B 130 1.91 0.68 -26.16
C LYS B 130 3.38 0.46 -26.47
N GLY B 131 4.06 -0.40 -25.72
CA GLY B 131 5.40 -0.82 -26.09
C GLY B 131 5.42 -1.84 -27.19
N ILE B 132 4.33 -2.62 -27.33
CA ILE B 132 4.22 -3.55 -28.44
C ILE B 132 4.04 -2.79 -29.76
N ILE B 133 3.22 -1.74 -29.75
CA ILE B 133 3.03 -0.94 -30.95
C ILE B 133 4.36 -0.32 -31.39
N SER B 134 5.09 0.27 -30.44
CA SER B 134 6.41 0.82 -30.75
C SER B 134 7.35 -0.27 -31.25
N PHE B 135 7.23 -1.49 -30.73
CA PHE B 135 8.05 -2.60 -31.21
C PHE B 135 7.76 -2.90 -32.68
N ALA B 136 6.48 -2.83 -33.07
CA ALA B 136 6.13 -3.13 -34.46
C ALA B 136 6.56 -1.99 -35.39
N LYS B 137 6.49 -0.74 -34.93
CA LYS B 137 6.85 0.38 -35.79
C LYS B 137 8.32 0.36 -36.17
N VAL B 138 9.19 -0.07 -35.24
CA VAL B 138 10.63 -0.10 -35.52
C VAL B 138 10.94 -1.15 -36.57
N ILE B 139 10.19 -2.25 -36.61
CA ILE B 139 10.43 -3.29 -37.60
C ILE B 139 10.16 -2.73 -38.98
N SER B 140 11.17 -2.82 -39.86
CA SER B 140 11.05 -2.25 -41.20
C SER B 140 9.99 -2.98 -42.02
N TYR B 141 9.91 -4.31 -41.88
CA TYR B 141 8.95 -5.07 -42.66
C TYR B 141 7.51 -4.76 -42.28
N PHE B 142 7.28 -4.25 -41.08
CA PHE B 142 5.93 -3.96 -40.59
C PHE B 142 5.42 -2.61 -41.06
N ARG B 143 6.24 -1.56 -40.94
CA ARG B 143 5.78 -0.22 -41.31
C ARG B 143 5.54 -0.08 -42.80
N ASP B 144 6.16 -0.92 -43.62
CA ASP B 144 5.94 -0.86 -45.07
C ASP B 144 4.59 -1.42 -45.47
N LEU B 145 3.84 -2.03 -44.54
CA LEU B 145 2.52 -2.53 -44.84
C LEU B 145 1.50 -1.39 -44.85
N PRO B 146 0.37 -1.58 -45.53
CA PRO B 146 -0.70 -0.57 -45.48
C PRO B 146 -1.15 -0.31 -44.05
N ILE B 147 -1.65 0.90 -43.82
CA ILE B 147 -2.03 1.32 -42.47
C ILE B 147 -3.15 0.45 -41.92
N GLU B 148 -4.02 -0.08 -42.80
CA GLU B 148 -5.10 -0.94 -42.33
C GLU B 148 -4.58 -2.32 -41.94
N ASP B 149 -3.56 -2.82 -42.65
CA ASP B 149 -2.96 -4.10 -42.27
C ASP B 149 -2.17 -3.99 -40.97
N GLN B 150 -1.52 -2.84 -40.74
CA GLN B 150 -0.81 -2.66 -39.47
C GLN B 150 -1.77 -2.67 -38.29
N ILE B 151 -2.96 -2.08 -38.47
CA ILE B 151 -3.96 -2.10 -37.41
C ILE B 151 -4.52 -3.50 -37.22
N SER B 152 -4.77 -4.21 -38.33
CA SER B 152 -5.33 -5.55 -38.23
C SER B 152 -4.34 -6.52 -37.58
N LEU B 153 -3.05 -6.40 -37.91
CA LEU B 153 -2.05 -7.29 -37.33
C LEU B 153 -1.91 -7.03 -35.83
N LEU B 154 -1.85 -5.77 -35.43
CA LEU B 154 -1.71 -5.46 -34.01
C LEU B 154 -2.98 -5.81 -33.23
N LYS B 155 -4.15 -5.78 -33.90
CA LYS B 155 -5.38 -6.17 -33.23
C LYS B 155 -5.39 -7.65 -32.89
N GLY B 156 -4.77 -8.48 -33.72
CA GLY B 156 -4.81 -9.92 -33.50
C GLY B 156 -3.64 -10.43 -32.67
N ALA B 157 -2.56 -9.65 -32.60
CA ALA B 157 -1.36 -10.04 -31.87
C ALA B 157 -1.14 -9.21 -30.62
N ALA B 158 -2.12 -8.40 -30.20
CA ALA B 158 -1.94 -7.57 -29.03
C ALA B 158 -1.77 -8.42 -27.78
N PHE B 159 -2.73 -9.31 -27.52
CA PHE B 159 -2.65 -10.17 -26.34
C PHE B 159 -1.48 -11.14 -26.43
N GLU B 160 -1.26 -11.71 -27.63
CA GLU B 160 -0.21 -12.72 -27.77
C GLU B 160 1.18 -12.13 -27.54
N LEU B 161 1.43 -10.92 -28.03
CA LEU B 161 2.75 -10.32 -27.86
C LEU B 161 2.97 -9.84 -26.44
N CYS B 162 1.90 -9.47 -25.73
CA CYS B 162 2.04 -9.09 -24.32
C CYS B 162 2.38 -10.31 -23.46
N GLN B 163 1.77 -11.46 -23.76
CA GLN B 163 2.00 -12.67 -22.94
C GLN B 163 3.41 -13.19 -23.20
N LEU B 164 3.95 -13.02 -24.40
CA LEU B 164 5.32 -13.43 -24.66
C LEU B 164 6.32 -12.55 -23.89
N ARG B 165 6.06 -11.25 -23.82
CA ARG B 165 6.91 -10.37 -23.03
C ARG B 165 6.74 -10.61 -21.54
N PHE B 166 5.52 -10.95 -21.11
CA PHE B 166 5.29 -11.25 -19.70
C PHE B 166 6.02 -12.51 -19.26
N ASN B 167 6.16 -13.49 -20.15
CA ASN B 167 6.83 -14.73 -19.76
C ASN B 167 8.30 -14.50 -19.47
N THR B 168 8.91 -13.48 -20.08
CA THR B 168 10.32 -13.22 -19.84
C THR B 168 10.59 -12.65 -18.45
N VAL B 169 9.57 -12.08 -17.80
CA VAL B 169 9.70 -11.56 -16.44
C VAL B 169 8.99 -12.46 -15.44
N PHE B 170 8.60 -13.66 -15.84
CA PHE B 170 7.91 -14.60 -14.97
C PHE B 170 8.91 -15.47 -14.22
N ASN B 171 8.68 -15.66 -12.93
CA ASN B 171 9.52 -16.48 -12.08
C ASN B 171 8.85 -17.84 -11.89
N ALA B 172 9.56 -18.91 -12.25
CA ALA B 172 8.95 -20.24 -12.19
C ALA B 172 8.75 -20.71 -10.75
N GLU B 173 9.73 -20.46 -9.88
CA GLU B 173 9.64 -20.95 -8.52
C GLU B 173 8.59 -20.18 -7.72
N THR B 174 8.70 -18.86 -7.70
CA THR B 174 7.82 -18.03 -6.89
C THR B 174 6.46 -17.80 -7.53
N GLY B 175 6.31 -18.10 -8.81
CA GLY B 175 5.06 -17.79 -9.49
C GLY B 175 4.76 -16.31 -9.52
N THR B 176 5.77 -15.49 -9.78
CA THR B 176 5.65 -14.04 -9.73
C THR B 176 6.18 -13.42 -11.01
N TRP B 177 5.42 -12.46 -11.56
CA TRP B 177 5.86 -11.65 -12.68
C TRP B 177 6.53 -10.40 -12.13
N GLU B 178 7.86 -10.40 -12.11
CA GLU B 178 8.64 -9.32 -11.54
C GLU B 178 8.76 -8.19 -12.56
N CYS B 179 7.96 -7.15 -12.39
CA CYS B 179 7.92 -6.04 -13.33
C CYS B 179 8.55 -4.79 -12.74
N GLY B 180 9.81 -4.89 -12.32
CA GLY B 180 10.51 -3.75 -11.77
C GLY B 180 9.92 -3.27 -10.46
N ARG B 181 9.24 -2.11 -10.49
CA ARG B 181 8.62 -1.60 -9.28
C ARG B 181 7.46 -2.47 -8.81
N LEU B 182 6.82 -3.17 -9.74
CA LEU B 182 5.62 -3.95 -9.45
C LEU B 182 5.93 -5.43 -9.49
N SER B 183 5.20 -6.20 -8.68
CA SER B 183 5.32 -7.65 -8.64
C SER B 183 3.92 -8.24 -8.53
N TYR B 184 3.70 -9.38 -9.19
CA TYR B 184 2.41 -10.05 -9.23
C TYR B 184 2.61 -11.51 -8.81
N CYS B 185 2.34 -11.81 -7.54
CA CYS B 185 2.54 -13.14 -6.99
C CYS B 185 1.21 -13.88 -6.90
N LEU B 186 1.18 -15.09 -7.43
CA LEU B 186 -0.04 -15.90 -7.42
C LEU B 186 -0.35 -16.37 -6.00
N GLU B 187 -1.56 -16.93 -5.85
CA GLU B 187 -2.01 -17.45 -4.56
C GLU B 187 -2.57 -18.86 -4.69
N GLN B 194 -0.69 -27.25 -9.36
CA GLN B 194 -1.26 -28.59 -9.61
C GLN B 194 -2.63 -28.50 -10.27
N GLN B 195 -3.56 -27.80 -9.62
CA GLN B 195 -4.87 -27.56 -10.20
C GLN B 195 -4.93 -26.28 -11.01
N LEU B 196 -3.99 -25.36 -10.77
CA LEU B 196 -3.89 -24.14 -11.57
C LEU B 196 -3.56 -24.46 -13.03
N LEU B 197 -2.79 -25.52 -13.27
CA LEU B 197 -2.44 -25.86 -14.65
C LEU B 197 -3.68 -26.15 -15.50
N LEU B 198 -4.84 -26.36 -14.87
CA LEU B 198 -6.06 -26.48 -15.65
C LEU B 198 -6.36 -25.19 -16.40
N GLU B 199 -5.97 -24.05 -15.83
CA GLU B 199 -6.06 -22.77 -16.53
C GLU B 199 -5.03 -22.74 -17.65
N PRO B 200 -5.44 -22.55 -18.90
CA PRO B 200 -4.45 -22.58 -20.00
C PRO B 200 -3.42 -21.47 -19.93
N MET B 201 -3.77 -20.32 -19.35
CA MET B 201 -2.84 -19.19 -19.30
C MET B 201 -1.67 -19.50 -18.37
N LEU B 202 -1.96 -19.95 -17.15
CA LEU B 202 -0.88 -20.31 -16.23
C LEU B 202 -0.09 -21.51 -16.74
N LYS B 203 -0.78 -22.49 -17.34
CA LYS B 203 -0.08 -23.63 -17.92
C LYS B 203 0.82 -23.21 -19.07
N PHE B 204 0.39 -22.21 -19.84
CA PHE B 204 1.22 -21.72 -20.95
C PHE B 204 2.50 -21.08 -20.44
N HIS B 205 2.41 -20.30 -19.36
CA HIS B 205 3.59 -19.61 -18.86
C HIS B 205 4.60 -20.59 -18.25
N TYR B 206 4.12 -21.64 -17.59
CA TYR B 206 5.05 -22.61 -17.02
C TYR B 206 5.73 -23.45 -18.10
N MET B 207 4.97 -23.85 -19.13
CA MET B 207 5.57 -24.63 -20.22
C MET B 207 6.57 -23.79 -21.00
N LEU B 208 6.21 -22.54 -21.33
CA LEU B 208 7.12 -21.69 -22.10
C LEU B 208 8.37 -21.36 -21.31
N LYS B 209 8.23 -21.11 -20.01
CA LYS B 209 9.40 -20.82 -19.19
C LYS B 209 10.29 -22.03 -19.04
N LYS B 210 9.71 -23.23 -19.09
CA LYS B 210 10.50 -24.46 -18.97
C LYS B 210 11.43 -24.65 -20.15
N LEU B 211 11.08 -24.11 -21.32
CA LEU B 211 11.93 -24.26 -22.49
C LEU B 211 13.23 -23.46 -22.37
N GLN B 212 13.25 -22.43 -21.52
CA GLN B 212 14.44 -21.61 -21.29
C GLN B 212 14.98 -21.03 -22.60
N LEU B 213 14.15 -20.23 -23.25
CA LEU B 213 14.47 -19.67 -24.54
C LEU B 213 15.42 -18.47 -24.40
N HIS B 214 16.16 -18.22 -25.47
CA HIS B 214 17.00 -17.04 -25.56
C HIS B 214 16.16 -15.80 -25.90
N GLU B 215 16.80 -14.64 -25.81
CA GLU B 215 16.14 -13.41 -26.23
C GLU B 215 15.79 -13.45 -27.71
N GLU B 216 16.72 -13.97 -28.53
CA GLU B 216 16.48 -14.06 -29.96
C GLU B 216 15.27 -14.94 -30.28
N GLU B 217 15.12 -16.04 -29.54
CA GLU B 217 13.98 -16.92 -29.76
C GLU B 217 12.68 -16.29 -29.29
N TYR B 218 12.73 -15.45 -28.25
CA TYR B 218 11.52 -14.76 -27.80
C TYR B 218 11.06 -13.75 -28.83
N VAL B 219 11.98 -12.93 -29.34
CA VAL B 219 11.58 -11.86 -30.26
C VAL B 219 11.15 -12.44 -31.61
N LEU B 220 11.67 -13.62 -31.97
CA LEU B 220 11.23 -14.25 -33.21
C LEU B 220 9.81 -14.81 -33.09
N MET B 221 9.44 -15.28 -31.89
CA MET B 221 8.05 -15.66 -31.66
C MET B 221 7.13 -14.45 -31.79
N GLN B 222 7.58 -13.29 -31.31
CA GLN B 222 6.78 -12.07 -31.46
C GLN B 222 6.61 -11.70 -32.93
N ALA B 223 7.65 -11.91 -33.74
CA ALA B 223 7.55 -11.61 -35.17
C ALA B 223 6.62 -12.58 -35.88
N ILE B 224 6.74 -13.87 -35.56
CA ILE B 224 5.88 -14.88 -36.19
C ILE B 224 4.42 -14.65 -35.77
N SER B 225 4.20 -14.23 -34.53
CA SER B 225 2.85 -13.96 -34.06
C SER B 225 2.31 -12.66 -34.65
N LEU B 226 3.16 -11.64 -34.74
CA LEU B 226 2.71 -10.35 -35.28
C LEU B 226 2.36 -10.46 -36.76
N PHE B 227 3.19 -11.13 -37.54
CA PHE B 227 2.97 -11.27 -38.98
C PHE B 227 2.13 -12.50 -39.31
N SER B 228 0.99 -12.63 -38.64
CA SER B 228 0.06 -13.70 -38.95
C SER B 228 -0.82 -13.29 -40.12
N PRO B 229 -0.75 -14.00 -41.25
CA PRO B 229 -1.54 -13.57 -42.42
C PRO B 229 -3.03 -13.78 -42.27
N ASP B 230 -3.46 -14.70 -41.40
CA ASP B 230 -4.88 -15.01 -41.23
C ASP B 230 -5.54 -14.23 -40.10
N ARG B 231 -5.08 -13.00 -39.85
CA ARG B 231 -5.77 -12.16 -38.88
C ARG B 231 -7.00 -11.51 -39.53
N PRO B 232 -8.06 -11.29 -38.76
CA PRO B 232 -9.25 -10.63 -39.32
C PRO B 232 -8.95 -9.21 -39.77
N GLY B 233 -9.26 -8.93 -41.03
CA GLY B 233 -9.09 -7.60 -41.58
C GLY B 233 -7.85 -7.41 -42.44
N VAL B 234 -6.98 -8.42 -42.50
CA VAL B 234 -5.76 -8.28 -43.29
C VAL B 234 -6.09 -8.38 -44.76
N LEU B 235 -5.50 -7.49 -45.56
CA LEU B 235 -5.67 -7.49 -47.01
C LEU B 235 -4.52 -8.17 -47.73
N GLN B 236 -3.28 -7.79 -47.41
CA GLN B 236 -2.10 -8.39 -48.03
C GLN B 236 -1.78 -9.72 -47.34
N HIS B 237 -2.69 -10.68 -47.54
CA HIS B 237 -2.51 -12.00 -46.94
C HIS B 237 -1.24 -12.67 -47.45
N ARG B 238 -0.95 -12.52 -48.74
CA ARG B 238 0.18 -13.22 -49.34
C ARG B 238 1.51 -12.60 -48.91
N VAL B 239 1.56 -11.27 -48.82
CA VAL B 239 2.81 -10.60 -48.46
C VAL B 239 3.13 -10.83 -46.99
N VAL B 240 2.11 -10.76 -46.13
CA VAL B 240 2.33 -11.01 -44.70
C VAL B 240 2.72 -12.46 -44.47
N ASP B 241 2.14 -13.39 -45.24
CA ASP B 241 2.50 -14.79 -45.09
C ASP B 241 3.94 -15.06 -45.52
N GLN B 242 4.40 -14.38 -46.58
CA GLN B 242 5.79 -14.53 -46.99
C GLN B 242 6.73 -14.02 -45.90
N LEU B 243 6.36 -12.92 -45.24
CA LEU B 243 7.18 -12.42 -44.15
C LEU B 243 7.20 -13.40 -42.98
N GLN B 244 6.06 -14.01 -42.68
CA GLN B 244 6.00 -14.96 -41.56
C GLN B 244 6.89 -16.17 -41.79
N GLU B 245 6.93 -16.66 -43.04
CA GLU B 245 7.72 -17.85 -43.32
C GLU B 245 9.22 -17.57 -43.15
N GLN B 246 9.67 -16.35 -43.42
CA GLN B 246 11.08 -16.04 -43.26
C GLN B 246 11.47 -15.95 -41.79
N PHE B 247 10.58 -15.44 -40.95
CA PHE B 247 10.85 -15.42 -39.52
C PHE B 247 10.90 -16.84 -38.96
N ALA B 248 10.05 -17.73 -39.46
CA ALA B 248 10.07 -19.12 -39.01
C ALA B 248 11.33 -19.83 -39.49
N ILE B 249 11.76 -19.57 -40.73
CA ILE B 249 13.00 -20.15 -41.22
C ILE B 249 14.18 -19.63 -40.42
N THR B 250 14.17 -18.33 -40.09
CA THR B 250 15.26 -17.75 -39.31
C THR B 250 15.30 -18.35 -37.91
N LEU B 251 14.13 -18.53 -37.30
CA LEU B 251 14.09 -19.16 -35.98
C LEU B 251 14.59 -20.60 -36.03
N LYS B 252 14.16 -21.35 -37.07
CA LYS B 252 14.60 -22.73 -37.21
C LYS B 252 16.11 -22.81 -37.43
N SER B 253 16.66 -21.87 -38.21
CA SER B 253 18.10 -21.88 -38.45
C SER B 253 18.88 -21.49 -37.20
N TYR B 254 18.37 -20.53 -36.43
CA TYR B 254 19.08 -20.08 -35.24
C TYR B 254 19.21 -21.21 -34.21
N ILE B 255 18.17 -22.04 -34.07
CA ILE B 255 18.20 -23.11 -33.09
C ILE B 255 19.23 -24.17 -33.48
N GLU B 256 19.35 -24.44 -34.78
CA GLU B 256 20.33 -25.43 -35.23
C GLU B 256 21.77 -24.95 -35.07
N CYS B 257 21.98 -23.64 -34.92
CA CYS B 257 23.33 -23.08 -34.79
C CYS B 257 23.74 -22.80 -33.35
N ASN B 258 22.83 -22.91 -32.38
CA ASN B 258 23.16 -22.55 -31.01
C ASN B 258 22.60 -23.51 -29.96
N ARG B 259 21.96 -24.61 -30.35
CA ARG B 259 21.32 -25.51 -29.40
C ARG B 259 21.66 -26.97 -29.74
N PRO B 260 22.85 -27.43 -29.34
CA PRO B 260 23.21 -28.83 -29.60
C PRO B 260 22.81 -29.80 -28.50
N GLN B 261 22.35 -29.31 -27.34
CA GLN B 261 22.05 -30.19 -26.22
C GLN B 261 20.80 -31.02 -26.49
N PRO B 262 20.69 -32.20 -25.88
CA PRO B 262 19.49 -33.03 -26.09
C PRO B 262 18.26 -32.49 -25.40
N ALA B 263 18.39 -31.55 -24.47
CA ALA B 263 17.22 -30.96 -23.83
C ALA B 263 16.45 -30.06 -24.79
N HIS B 264 17.10 -29.59 -25.86
CA HIS B 264 16.48 -28.72 -26.85
C HIS B 264 16.15 -29.45 -28.14
N ARG B 265 15.95 -30.77 -28.07
CA ARG B 265 15.54 -31.52 -29.25
C ARG B 265 14.10 -31.18 -29.61
N PHE B 266 13.85 -30.97 -30.90
CA PHE B 266 12.55 -30.56 -31.42
C PHE B 266 12.09 -29.24 -30.80
N LEU B 267 13.04 -28.36 -30.47
CA LEU B 267 12.69 -27.10 -29.83
C LEU B 267 11.90 -26.19 -30.77
N PHE B 268 12.29 -26.15 -32.05
CA PHE B 268 11.57 -25.31 -33.00
C PHE B 268 10.12 -25.75 -33.14
N LEU B 269 9.88 -27.06 -33.22
CA LEU B 269 8.50 -27.54 -33.31
C LEU B 269 7.74 -27.32 -32.01
N LYS B 270 8.42 -27.38 -30.86
CA LYS B 270 7.78 -27.03 -29.61
C LYS B 270 7.35 -25.57 -29.60
N ILE B 271 8.22 -24.68 -30.07
CA ILE B 271 7.90 -23.26 -30.11
C ILE B 271 6.72 -23.01 -31.04
N MET B 272 6.74 -23.62 -32.24
CA MET B 272 5.62 -23.44 -33.15
C MET B 272 4.33 -24.02 -32.57
N ALA B 273 4.44 -25.08 -31.77
CA ALA B 273 3.26 -25.61 -31.10
C ALA B 273 2.77 -24.69 -30.00
N MET B 274 3.69 -24.00 -29.32
CA MET B 274 3.30 -23.06 -28.28
C MET B 274 2.61 -21.83 -28.88
N LEU B 275 3.07 -21.39 -30.05
CA LEU B 275 2.44 -20.24 -30.69
C LEU B 275 1.01 -20.56 -31.10
N THR B 276 0.75 -21.81 -31.52
CA THR B 276 -0.61 -22.21 -31.82
C THR B 276 -1.46 -22.28 -30.56
N GLU B 277 -0.91 -22.81 -29.47
CA GLU B 277 -1.63 -22.84 -28.20
C GLU B 277 -1.92 -21.42 -27.71
N LEU B 278 -0.94 -20.51 -27.84
CA LEU B 278 -1.16 -19.12 -27.45
C LEU B 278 -2.23 -18.46 -28.30
N ARG B 279 -2.38 -18.89 -29.55
CA ARG B 279 -3.43 -18.34 -30.40
C ARG B 279 -4.81 -18.74 -29.91
N SER B 280 -4.95 -19.99 -29.44
CA SER B 280 -6.24 -20.43 -28.90
C SER B 280 -6.56 -19.71 -27.59
N ILE B 281 -5.55 -19.56 -26.72
CA ILE B 281 -5.75 -18.83 -25.47
C ILE B 281 -6.18 -17.40 -25.75
N ASN B 282 -5.66 -16.81 -26.83
CA ASN B 282 -6.05 -15.45 -27.20
C ASN B 282 -7.53 -15.38 -27.51
N ALA B 283 -8.04 -16.35 -28.27
CA ALA B 283 -9.46 -16.35 -28.61
C ALA B 283 -10.33 -16.60 -27.39
N GLN B 284 -9.87 -17.46 -26.48
CA GLN B 284 -10.65 -17.76 -25.27
C GLN B 284 -10.76 -16.53 -24.37
N HIS B 285 -9.62 -15.90 -24.08
CA HIS B 285 -9.61 -14.79 -23.12
C HIS B 285 -10.15 -13.50 -23.70
N THR B 286 -9.99 -13.27 -25.01
CA THR B 286 -10.60 -12.10 -25.61
C THR B 286 -12.12 -12.20 -25.59
N GLN B 287 -12.65 -13.40 -25.83
CA GLN B 287 -14.10 -13.61 -25.69
C GLN B 287 -14.52 -13.54 -24.22
N ARG B 288 -13.66 -14.04 -23.32
CA ARG B 288 -13.96 -14.01 -21.90
C ARG B 288 -13.96 -12.58 -21.36
N LEU B 289 -13.02 -11.76 -21.80
CA LEU B 289 -12.91 -10.41 -21.25
C LEU B 289 -14.08 -9.53 -21.67
N LEU B 290 -14.72 -9.83 -22.79
CA LEU B 290 -15.89 -9.07 -23.21
C LEU B 290 -17.07 -9.30 -22.28
N ARG B 291 -17.15 -10.48 -21.65
CA ARG B 291 -18.21 -10.71 -20.68
C ARG B 291 -18.03 -9.85 -19.45
N ILE B 292 -16.80 -9.69 -18.99
CA ILE B 292 -16.54 -8.85 -17.82
C ILE B 292 -16.79 -7.38 -18.15
N GLN B 293 -16.37 -6.95 -19.34
CA GLN B 293 -16.65 -5.59 -19.78
C GLN B 293 -18.14 -5.37 -19.94
N ASP B 294 -18.88 -6.40 -20.33
CA ASP B 294 -20.33 -6.27 -20.48
C ASP B 294 -21.02 -6.01 -19.14
N ILE B 295 -20.52 -6.61 -18.07
CA ILE B 295 -21.10 -6.42 -16.75
C ILE B 295 -20.46 -5.26 -16.01
N HIS B 296 -19.12 -5.21 -16.01
CA HIS B 296 -18.37 -4.16 -15.32
C HIS B 296 -17.39 -3.53 -16.30
N PRO B 297 -17.77 -2.40 -16.91
CA PRO B 297 -16.85 -1.73 -17.84
C PRO B 297 -15.57 -1.29 -17.13
N PHE B 298 -14.44 -1.78 -17.63
CA PHE B 298 -13.14 -1.45 -17.05
C PHE B 298 -12.06 -1.18 -18.08
N ALA B 299 -12.28 -1.46 -19.36
CA ALA B 299 -11.23 -1.36 -20.36
C ALA B 299 -10.87 0.09 -20.61
N THR B 300 -9.57 0.34 -20.79
CA THR B 300 -9.09 1.66 -21.17
C THR B 300 -9.53 1.96 -22.60
N PRO B 301 -9.52 3.24 -23.00
CA PRO B 301 -9.91 3.57 -24.38
C PRO B 301 -9.13 2.82 -25.45
N LEU B 302 -7.85 2.48 -25.19
CA LEU B 302 -7.08 1.74 -26.18
C LEU B 302 -7.50 0.28 -26.23
N MET B 303 -7.86 -0.30 -25.08
CA MET B 303 -8.34 -1.68 -25.06
C MET B 303 -9.70 -1.81 -25.73
N GLN B 304 -10.53 -0.77 -25.64
CA GLN B 304 -11.84 -0.79 -26.29
C GLN B 304 -11.71 -0.84 -27.81
N GLU B 305 -10.68 -0.16 -28.35
CA GLU B 305 -10.47 -0.16 -29.78
C GLU B 305 -10.04 -1.53 -30.28
N LEU B 306 -9.24 -2.23 -29.48
CA LEU B 306 -8.76 -3.56 -29.85
C LEU B 306 -9.85 -4.63 -29.81
N PHE B 307 -11.00 -4.35 -29.19
CA PHE B 307 -12.03 -5.35 -29.01
C PHE B 307 -13.23 -5.17 -29.92
N GLY B 308 -13.40 -3.99 -30.52
CA GLY B 308 -14.57 -3.71 -31.33
C GLY B 308 -15.70 -3.08 -30.57
N ILE B 309 -15.42 -2.34 -29.50
CA ILE B 309 -16.46 -1.74 -28.68
C ILE B 309 -16.69 -0.30 -29.07
N SER B 323 -14.75 2.64 -41.07
CA SER B 323 -13.40 2.30 -41.48
C SER B 323 -12.52 1.97 -40.28
N LEU B 324 -11.48 1.17 -40.53
CA LEU B 324 -10.58 0.75 -39.45
C LEU B 324 -9.90 1.95 -38.81
N THR B 325 -9.32 2.84 -39.63
CA THR B 325 -8.58 3.98 -39.11
C THR B 325 -9.47 4.93 -38.31
N GLU B 326 -10.79 4.91 -38.55
CA GLU B 326 -11.69 5.80 -37.83
C GLU B 326 -12.11 5.24 -36.48
N ARG B 327 -12.49 3.97 -36.41
CA ARG B 327 -12.87 3.37 -35.14
C ARG B 327 -11.66 2.89 -34.34
N HIS B 328 -10.45 2.98 -34.89
CA HIS B 328 -9.24 2.71 -34.14
C HIS B 328 -8.39 3.98 -34.10
N LYS B 329 -8.93 5.03 -33.47
CA LYS B 329 -8.30 6.35 -33.57
C LYS B 329 -7.00 6.41 -32.79
N ILE B 330 -6.98 5.86 -31.58
CA ILE B 330 -5.76 5.87 -30.77
C ILE B 330 -4.68 5.03 -31.43
N LEU B 331 -5.03 3.83 -31.89
CA LEU B 331 -4.06 2.96 -32.55
C LEU B 331 -3.54 3.58 -33.85
N HIS B 332 -4.39 4.33 -34.56
CA HIS B 332 -3.94 5.01 -35.77
C HIS B 332 -2.96 6.13 -35.43
N ARG B 333 -3.25 6.89 -34.37
CA ARG B 333 -2.35 7.97 -33.97
C ARG B 333 -1.01 7.43 -33.50
N LEU B 334 -1.02 6.34 -32.72
CA LEU B 334 0.23 5.78 -32.21
C LEU B 334 1.09 5.22 -33.33
N LEU B 335 0.48 4.72 -34.41
CA LEU B 335 1.26 4.23 -35.54
C LEU B 335 1.89 5.35 -36.35
N GLN B 336 1.32 6.55 -36.32
CA GLN B 336 1.92 7.67 -37.04
C GLN B 336 3.01 8.36 -36.22
N GLU B 337 2.92 8.30 -34.90
CA GLU B 337 3.92 8.94 -34.05
C GLU B 337 5.25 8.20 -34.14
N GLY B 338 6.33 8.94 -33.83
CA GLY B 338 7.66 8.38 -33.81
C GLY B 338 8.07 7.93 -32.42
N SER B 339 9.35 7.61 -32.29
CA SER B 339 9.91 7.15 -31.02
C SER B 339 9.96 8.28 -30.00
#